data_3G13
#
_entry.id   3G13
#
_cell.length_a   64.470
_cell.length_b   71.318
_cell.length_c   94.176
_cell.angle_alpha   90.00
_cell.angle_beta   90.00
_cell.angle_gamma   90.00
#
_symmetry.space_group_name_H-M   'P 21 21 21'
#
loop_
_entity.id
_entity.type
_entity.pdbx_description
1 polymer 'Putative conjugative transposon recombinase'
2 non-polymer GLYCEROL
3 non-polymer 'SODIUM ION'
4 water water
#
_entity_poly.entity_id   1
_entity_poly.type   'polypeptide(L)'
_entity_poly.pdbx_seq_one_letter_code
;(MSE)SLERLRVAAYCRVSTDSEDQLNSYKSQVQYYTD(MSE)IKKNKEWVLADIYADEAITGTQVTKREDFQR(MSE)I
NDC(MSE)NGEID(MSE)VFTKSISRFARNTLDTLKYVR(MSE)LKERNIAVYFEDEKINTLT(MSE)DGELLLVVLSSV
AQQEVENISANVKKGLK(MSE)K(MSE)KRGELVGFQEGHHHHHH
;
_entity_poly.pdbx_strand_id   A,B
#
# COMPACT_ATOMS: atom_id res chain seq x y z
N LEU A 3 -23.29 -29.15 -1.67
CA LEU A 3 -23.41 -27.65 -1.67
C LEU A 3 -24.25 -27.19 -2.84
N GLU A 4 -23.60 -26.38 -3.69
CA GLU A 4 -24.17 -25.67 -4.86
C GLU A 4 -23.90 -24.14 -4.73
N ARG A 5 -24.72 -23.46 -3.95
CA ARG A 5 -24.68 -22.01 -3.88
C ARG A 5 -23.41 -21.45 -3.25
N LEU A 6 -23.00 -20.27 -3.71
CA LEU A 6 -21.88 -19.59 -3.10
C LEU A 6 -22.31 -19.11 -1.73
N ARG A 7 -21.49 -19.43 -0.70
CA ARG A 7 -21.78 -19.06 0.68
C ARG A 7 -21.18 -17.68 0.97
N VAL A 8 -22.05 -16.72 1.20
CA VAL A 8 -21.64 -15.33 1.29
C VAL A 8 -21.83 -14.80 2.70
N ALA A 9 -20.77 -14.24 3.26
CA ALA A 9 -20.89 -13.53 4.55
C ALA A 9 -20.67 -12.01 4.40
N ALA A 10 -20.96 -11.25 5.46
CA ALA A 10 -20.58 -9.83 5.52
C ALA A 10 -19.90 -9.59 6.83
N TYR A 11 -18.83 -8.79 6.80
CA TYR A 11 -18.21 -8.29 8.01
C TYR A 11 -18.45 -6.79 8.24
N CYS A 12 -18.99 -6.45 9.41
CA CYS A 12 -19.40 -5.08 9.71
C CYS A 12 -18.68 -4.48 10.91
N ARG A 13 -18.35 -3.19 10.80
CA ARG A 13 -17.95 -2.40 11.94
C ARG A 13 -19.16 -1.56 12.34
N VAL A 14 -19.58 -1.67 13.60
CA VAL A 14 -20.78 -0.99 14.12
C VAL A 14 -20.40 0.31 14.82
N SER A 15 -21.04 1.40 14.43
CA SER A 15 -20.79 2.72 15.02
C SER A 15 -21.33 2.86 16.44
N THR A 16 -20.57 3.61 17.25
CA THR A 16 -20.85 3.86 18.66
C THR A 16 -21.85 5.04 18.92
N ASP A 17 -22.74 5.27 17.94
CA ASP A 17 -23.79 6.31 17.93
C ASP A 17 -24.26 6.38 16.47
N SER A 18 -25.55 6.46 16.14
CA SER A 18 -26.75 6.83 16.93
C SER A 18 -27.30 7.99 16.11
N GLU A 19 -26.46 9.02 15.96
CA GLU A 19 -26.61 10.06 14.94
C GLU A 19 -26.02 9.58 13.61
N ASP A 20 -25.62 8.30 13.59
CA ASP A 20 -25.03 7.62 12.43
C ASP A 20 -25.79 6.29 12.22
N GLN A 21 -27.04 6.40 11.79
CA GLN A 21 -27.92 5.23 11.66
C GLN A 21 -27.45 4.29 10.56
N LEU A 22 -26.77 4.84 9.55
CA LEU A 22 -26.26 4.07 8.42
C LEU A 22 -25.21 3.02 8.82
N ASN A 23 -24.43 3.31 9.87
CA ASN A 23 -23.46 2.36 10.43
C ASN A 23 -23.93 1.64 11.69
N SER A 24 -25.20 1.78 12.01
CA SER A 24 -25.78 0.96 13.07
C SER A 24 -25.79 -0.52 12.68
N TYR A 25 -25.78 -1.38 13.69
CA TYR A 25 -25.90 -2.80 13.52
C TYR A 25 -27.16 -3.19 12.71
N LYS A 26 -28.33 -2.74 13.16
CA LYS A 26 -29.59 -3.08 12.51
C LYS A 26 -29.64 -2.67 11.04
N SER A 27 -29.25 -1.44 10.73
CA SER A 27 -29.22 -0.97 9.33
C SER A 27 -28.30 -1.83 8.45
N GLN A 28 -27.12 -2.18 8.96
CA GLN A 28 -26.20 -3.04 8.23
C GLN A 28 -26.68 -4.47 8.08
N VAL A 29 -27.27 -5.03 9.13
CA VAL A 29 -27.90 -6.31 9.01
C VAL A 29 -28.96 -6.33 7.89
N GLN A 30 -29.84 -5.32 7.86
CA GLN A 30 -30.84 -5.29 6.78
C GLN A 30 -30.21 -5.08 5.40
N TYR A 31 -29.23 -4.17 5.30
CA TYR A 31 -28.59 -3.91 4.03
C TYR A 31 -28.01 -5.19 3.43
N TYR A 32 -27.16 -5.88 4.19
CA TYR A 32 -26.51 -7.10 3.67
C TYR A 32 -27.44 -8.25 3.45
N THR A 33 -28.47 -8.39 4.28
CA THR A 33 -29.42 -9.49 4.11
C THR A 33 -30.16 -9.32 2.77
N ASP A 34 -30.63 -8.12 2.53
CA ASP A 34 -31.33 -7.79 1.31
C ASP A 34 -30.38 -7.85 0.09
N ILE A 36 -27.56 -9.55 -0.34
CA ILE A 36 -27.12 -10.90 -0.69
C ILE A 36 -28.30 -11.73 -1.29
N LYS A 37 -29.51 -11.48 -0.81
CA LYS A 37 -30.74 -12.08 -1.36
C LYS A 37 -31.07 -11.68 -2.78
N LYS A 38 -30.47 -10.60 -3.29
CA LYS A 38 -30.59 -10.20 -4.70
C LYS A 38 -30.11 -11.26 -5.71
N ASN A 39 -29.18 -12.12 -5.27
CA ASN A 39 -28.55 -13.08 -6.14
C ASN A 39 -28.91 -14.48 -5.72
N LYS A 40 -29.65 -15.18 -6.57
CA LYS A 40 -30.09 -16.54 -6.21
C LYS A 40 -28.98 -17.59 -6.35
N GLU A 41 -27.83 -17.22 -6.91
CA GLU A 41 -26.67 -18.15 -6.91
C GLU A 41 -25.94 -18.14 -5.56
N TRP A 42 -26.34 -17.22 -4.69
CA TRP A 42 -25.71 -17.04 -3.39
C TRP A 42 -26.63 -17.48 -2.27
N VAL A 43 -26.04 -17.82 -1.15
CA VAL A 43 -26.76 -18.09 0.09
C VAL A 43 -26.01 -17.37 1.20
N LEU A 44 -26.76 -16.67 2.06
CA LEU A 44 -26.20 -15.97 3.22
C LEU A 44 -25.67 -16.98 4.23
N ALA A 45 -24.37 -16.87 4.54
CA ALA A 45 -23.73 -17.66 5.60
C ALA A 45 -24.12 -16.97 6.91
N ASP A 46 -23.62 -15.75 7.13
CA ASP A 46 -23.94 -15.03 8.33
C ASP A 46 -23.49 -13.59 8.20
N ILE A 47 -23.93 -12.78 9.15
CA ILE A 47 -23.49 -11.42 9.26
C ILE A 47 -22.72 -11.31 10.57
N TYR A 48 -21.49 -10.80 10.45
CA TYR A 48 -20.55 -10.71 11.55
C TYR A 48 -20.32 -9.24 11.80
N ALA A 49 -20.22 -8.85 13.08
CA ALA A 49 -20.19 -7.44 13.43
C ALA A 49 -19.53 -7.19 14.78
N ASP A 50 -18.58 -6.26 14.80
CA ASP A 50 -18.01 -5.76 16.06
C ASP A 50 -18.23 -4.28 16.15
N GLU A 51 -18.44 -3.80 17.36
CA GLU A 51 -18.57 -2.37 17.62
C GLU A 51 -17.19 -1.73 17.52
N ALA A 52 -17.12 -0.55 16.90
CA ALA A 52 -15.86 0.21 16.77
C ALA A 52 -15.99 1.52 15.99
N THR A 59 -11.29 -6.72 12.62
CA THR A 59 -9.93 -7.18 12.91
C THR A 59 -9.50 -7.26 14.40
N LYS A 60 -10.06 -6.49 15.34
CA LYS A 60 -11.36 -5.73 15.51
C LYS A 60 -12.16 -6.46 16.56
N ARG A 61 -11.93 -7.76 16.61
CA ARG A 61 -12.04 -8.56 17.82
C ARG A 61 -13.00 -9.73 17.61
N GLU A 62 -13.98 -9.89 18.50
CA GLU A 62 -14.53 -11.22 18.73
C GLU A 62 -15.32 -11.81 17.55
N ASP A 63 -16.20 -11.01 16.94
CA ASP A 63 -16.99 -11.54 15.81
C ASP A 63 -16.15 -11.68 14.53
N PHE A 64 -15.17 -10.80 14.34
CA PHE A 64 -14.18 -10.98 13.27
C PHE A 64 -13.52 -12.34 13.42
N GLN A 65 -13.10 -12.67 14.64
CA GLN A 65 -12.46 -13.96 14.88
C GLN A 65 -13.40 -15.13 14.68
N ARG A 66 -14.68 -14.97 15.05
CA ARG A 66 -15.67 -16.03 14.80
C ARG A 66 -15.78 -16.24 13.28
N ILE A 68 -13.41 -15.61 10.95
CA ILE A 68 -12.21 -16.34 10.54
C ILE A 68 -12.33 -17.84 10.83
N ASN A 69 -12.79 -18.22 12.03
CA ASN A 69 -12.98 -19.67 12.35
C ASN A 69 -14.01 -20.35 11.43
N ASP A 70 -15.09 -19.66 11.10
CA ASP A 70 -16.08 -20.21 10.16
C ASP A 70 -15.50 -20.35 8.75
N CYS A 71 -14.63 -19.41 8.37
CA CYS A 71 -13.87 -19.53 7.11
C CYS A 71 -12.96 -20.75 7.13
N ASN A 73 -13.40 -23.41 8.76
CA ASN A 73 -14.32 -24.56 8.74
C ASN A 73 -15.12 -24.78 7.44
N GLY A 74 -14.91 -23.93 6.43
CA GLY A 74 -15.54 -24.13 5.13
C GLY A 74 -16.97 -23.60 5.00
N GLU A 75 -17.36 -22.71 5.90
CA GLU A 75 -18.73 -22.16 5.88
C GLU A 75 -18.92 -20.96 4.95
N ILE A 76 -17.81 -20.38 4.47
CA ILE A 76 -17.88 -19.09 3.75
C ILE A 76 -16.99 -19.12 2.51
N ASP A 77 -17.52 -18.68 1.37
CA ASP A 77 -16.76 -18.64 0.11
C ASP A 77 -16.33 -17.23 -0.26
N VAL A 79 -16.54 -13.08 1.56
CA VAL A 79 -16.89 -12.08 2.57
C VAL A 79 -16.96 -10.67 2.03
N PHE A 80 -18.11 -10.01 2.19
CA PHE A 80 -18.23 -8.59 1.90
C PHE A 80 -17.75 -7.78 3.10
N THR A 81 -17.06 -6.69 2.81
CA THR A 81 -16.81 -5.70 3.84
C THR A 81 -16.67 -4.31 3.22
N LYS A 82 -17.06 -3.26 3.95
CA LYS A 82 -17.24 -1.98 3.30
C LYS A 82 -15.91 -1.40 2.80
N SER A 83 -14.85 -1.61 3.57
CA SER A 83 -13.58 -0.95 3.28
C SER A 83 -12.45 -1.73 3.91
N ILE A 84 -11.25 -1.55 3.39
CA ILE A 84 -10.06 -2.08 4.03
C ILE A 84 -9.92 -1.63 5.50
N SER A 85 -10.22 -0.36 5.77
CA SER A 85 -10.11 0.23 7.11
C SER A 85 -11.01 -0.41 8.19
N ARG A 86 -12.12 -1.01 7.74
CA ARG A 86 -13.04 -1.77 8.62
C ARG A 86 -12.67 -3.23 8.70
N PHE A 87 -11.99 -3.72 7.67
CA PHE A 87 -11.63 -5.15 7.64
C PHE A 87 -10.57 -5.50 8.68
N ALA A 88 -9.57 -4.65 8.81
CA ALA A 88 -8.48 -4.86 9.74
C ALA A 88 -7.91 -3.53 10.21
N ARG A 89 -7.08 -3.61 11.24
CA ARG A 89 -6.62 -2.45 11.98
C ARG A 89 -5.36 -1.85 11.39
N ASN A 90 -4.60 -2.67 10.67
CA ASN A 90 -3.34 -2.21 10.08
C ASN A 90 -2.99 -3.01 8.85
N THR A 91 -1.90 -2.61 8.18
CA THR A 91 -1.45 -3.26 6.96
C THR A 91 -1.08 -4.73 7.15
N LEU A 92 -0.30 -5.02 8.20
CA LEU A 92 0.13 -6.37 8.51
C LEU A 92 -1.03 -7.36 8.74
N ASP A 93 -2.05 -6.92 9.46
CA ASP A 93 -3.23 -7.77 9.69
C ASP A 93 -4.05 -7.93 8.42
N THR A 94 -4.15 -6.85 7.62
CA THR A 94 -4.87 -6.92 6.33
C THR A 94 -4.26 -8.03 5.45
N LEU A 95 -2.93 -8.01 5.35
CA LEU A 95 -2.16 -9.04 4.66
C LEU A 95 -2.42 -10.43 5.17
N LYS A 96 -2.26 -10.59 6.49
CA LYS A 96 -2.42 -11.87 7.16
C LYS A 96 -3.79 -12.48 6.82
N TYR A 97 -4.86 -11.73 7.08
CA TYR A 97 -6.19 -12.30 6.92
C TYR A 97 -6.63 -12.42 5.47
N VAL A 98 -6.22 -11.48 4.62
CA VAL A 98 -6.55 -11.66 3.19
C VAL A 98 -5.85 -12.92 2.65
N ARG A 99 -4.55 -13.09 2.94
CA ARG A 99 -3.79 -14.27 2.50
C ARG A 99 -4.33 -15.58 3.06
N LEU A 101 -7.41 -16.27 3.99
CA LEU A 101 -8.63 -16.56 3.21
C LEU A 101 -8.23 -17.03 1.79
N LYS A 102 -7.33 -16.32 1.13
CA LYS A 102 -6.96 -16.60 -0.26
C LYS A 102 -6.41 -18.05 -0.45
N GLU A 103 -5.61 -18.53 0.50
CA GLU A 103 -5.03 -19.87 0.44
C GLU A 103 -6.12 -20.95 0.45
N ARG A 104 -7.29 -20.56 0.97
CA ARG A 104 -8.45 -21.45 1.03
C ARG A 104 -9.52 -21.13 -0.03
N ASN A 105 -9.13 -20.31 -1.01
CA ASN A 105 -9.98 -19.90 -2.15
C ASN A 105 -11.23 -19.15 -1.68
N ILE A 106 -11.06 -18.37 -0.61
CA ILE A 106 -12.09 -17.51 -0.05
C ILE A 106 -11.73 -16.07 -0.40
N ALA A 107 -12.68 -15.44 -1.06
CA ALA A 107 -12.53 -14.09 -1.52
C ALA A 107 -13.04 -13.10 -0.48
N VAL A 108 -12.38 -11.96 -0.39
CA VAL A 108 -12.96 -10.81 0.27
C VAL A 108 -13.36 -9.82 -0.82
N TYR A 109 -14.54 -9.24 -0.68
CA TYR A 109 -14.92 -8.16 -1.56
C TYR A 109 -15.00 -6.86 -0.76
N PHE A 110 -14.04 -5.96 -1.04
CA PHE A 110 -13.96 -4.63 -0.46
C PHE A 110 -14.87 -3.72 -1.28
N GLU A 111 -15.98 -3.31 -0.70
CA GLU A 111 -17.02 -2.63 -1.45
C GLU A 111 -16.59 -1.22 -1.92
N ASP A 112 -15.99 -0.43 -1.03
CA ASP A 112 -15.61 0.96 -1.39
C ASP A 112 -14.52 1.00 -2.48
N GLU A 113 -13.51 0.16 -2.28
CA GLU A 113 -12.35 0.04 -3.17
C GLU A 113 -12.67 -0.72 -4.46
N LYS A 114 -13.77 -1.52 -4.43
CA LYS A 114 -14.23 -2.40 -5.52
C LYS A 114 -13.18 -3.46 -5.92
N ILE A 115 -12.72 -4.23 -4.93
CA ILE A 115 -11.65 -5.21 -5.17
C ILE A 115 -12.10 -6.54 -4.60
N ASN A 116 -12.07 -7.56 -5.46
CA ASN A 116 -12.23 -8.97 -5.05
C ASN A 116 -10.83 -9.49 -4.93
N THR A 117 -10.48 -10.03 -3.78
CA THR A 117 -9.06 -10.34 -3.47
C THR A 117 -8.51 -11.53 -4.30
N LEU A 118 -9.38 -12.25 -5.00
CA LEU A 118 -8.92 -13.39 -5.81
C LEU A 118 -8.59 -13.04 -7.26
N THR A 119 -8.84 -11.78 -7.66
CA THR A 119 -8.60 -11.31 -9.04
C THR A 119 -7.10 -10.90 -9.17
N ASP A 121 -6.35 -7.89 -9.74
CA ASP A 121 -6.36 -6.69 -8.89
C ASP A 121 -6.14 -7.01 -7.41
N GLY A 122 -6.69 -8.14 -6.95
CA GLY A 122 -6.44 -8.70 -5.63
C GLY A 122 -4.96 -9.03 -5.45
N GLU A 123 -4.34 -9.63 -6.47
CA GLU A 123 -2.91 -9.90 -6.40
C GLU A 123 -2.09 -8.60 -6.31
N LEU A 124 -2.45 -7.58 -7.10
CA LEU A 124 -1.78 -6.28 -7.00
C LEU A 124 -2.00 -5.62 -5.61
N LEU A 125 -3.20 -5.77 -5.04
CA LEU A 125 -3.48 -5.26 -3.69
C LEU A 125 -2.43 -5.80 -2.73
N LEU A 126 -2.20 -7.13 -2.79
CA LEU A 126 -1.29 -7.80 -1.88
C LEU A 126 0.17 -7.42 -2.09
N VAL A 127 0.55 -7.20 -3.36
CA VAL A 127 1.88 -6.70 -3.71
C VAL A 127 2.11 -5.33 -3.08
N VAL A 128 1.13 -4.42 -3.23
CA VAL A 128 1.20 -3.05 -2.73
C VAL A 128 1.23 -3.03 -1.20
N LEU A 129 0.33 -3.81 -0.58
CA LEU A 129 0.34 -3.96 0.88
C LEU A 129 1.65 -4.53 1.43
N SER A 130 2.27 -5.49 0.73
CA SER A 130 3.54 -6.05 1.15
C SER A 130 4.65 -4.98 1.17
N SER A 131 4.65 -4.11 0.15
CA SER A 131 5.65 -3.04 0.04
C SER A 131 5.41 -1.97 1.10
N VAL A 132 4.14 -1.63 1.29
CA VAL A 132 3.74 -0.72 2.35
C VAL A 132 4.14 -1.24 3.73
N ALA A 133 3.82 -2.50 4.03
CA ALA A 133 4.17 -3.12 5.33
C ALA A 133 5.68 -3.21 5.60
N GLN A 134 6.48 -3.48 4.57
CA GLN A 134 7.94 -3.53 4.73
C GLN A 134 8.47 -2.16 5.14
N GLN A 135 7.98 -1.12 4.47
CA GLN A 135 8.36 0.26 4.79
C GLN A 135 7.89 0.69 6.21
N GLU A 136 6.66 0.31 6.59
CA GLU A 136 6.16 0.63 7.92
C GLU A 136 7.01 -0.05 8.99
N VAL A 137 7.40 -1.30 8.77
CA VAL A 137 8.25 -2.02 9.73
C VAL A 137 9.66 -1.38 9.86
N GLU A 138 10.28 -1.07 8.72
CA GLU A 138 11.55 -0.38 8.72
C GLU A 138 11.45 1.01 9.35
N ASN A 139 10.33 1.72 9.10
CA ASN A 139 10.13 3.03 9.74
C ASN A 139 10.07 2.92 11.28
N ILE A 140 9.37 1.90 11.80
CA ILE A 140 9.27 1.67 13.25
C ILE A 140 10.66 1.39 13.80
N SER A 141 11.40 0.54 13.11
CA SER A 141 12.73 0.18 13.51
C SER A 141 13.66 1.40 13.56
N ALA A 142 13.60 2.25 12.52
CA ALA A 142 14.37 3.48 12.47
C ALA A 142 14.02 4.45 13.61
N ASN A 143 12.72 4.56 13.89
CA ASN A 143 12.22 5.47 14.90
C ASN A 143 12.61 5.02 16.31
N VAL A 144 12.63 3.71 16.53
CA VAL A 144 13.07 3.12 17.77
C VAL A 144 14.55 3.45 17.99
N LYS A 145 15.39 3.24 16.97
CA LYS A 145 16.80 3.54 17.08
C LYS A 145 17.05 5.04 17.32
N LYS A 146 16.34 5.92 16.59
CA LYS A 146 16.40 7.37 16.86
C LYS A 146 15.95 7.71 18.28
N GLY A 147 14.83 7.13 18.72
CA GLY A 147 14.36 7.35 20.09
C GLY A 147 15.38 7.02 21.19
N LEU A 148 16.08 5.89 21.04
CA LEU A 148 17.13 5.48 21.99
C LEU A 148 18.21 6.55 22.11
N LYS A 149 18.58 7.13 20.98
CA LYS A 149 19.63 8.15 20.96
C LYS A 149 19.22 9.44 21.63
N LYS A 151 17.47 9.69 24.39
CA LYS A 151 17.56 9.54 25.85
C LYS A 151 18.95 10.02 26.33
N LYS A 153 21.77 9.81 28.86
CA LYS A 153 22.38 9.01 29.91
C LYS A 153 23.86 9.33 30.15
N ARG A 154 24.28 10.53 29.73
CA ARG A 154 25.65 10.95 29.88
C ARG A 154 25.81 12.15 30.82
N GLY A 155 24.71 12.58 31.44
CA GLY A 155 24.71 13.78 32.28
C GLY A 155 24.79 15.04 31.42
N GLU A 156 24.23 14.99 30.22
CA GLU A 156 24.20 16.13 29.27
C GLU A 156 23.70 17.45 29.89
N LEU A 157 22.53 17.38 30.55
CA LEU A 157 21.90 18.52 31.22
C LEU A 157 21.96 18.45 32.75
N VAL A 158 21.80 17.25 33.30
CA VAL A 158 21.73 17.03 34.74
C VAL A 158 22.77 15.96 35.18
N GLY A 159 23.63 16.32 36.15
CA GLY A 159 24.67 15.40 36.68
C GLY A 159 24.13 14.29 37.57
N PHE A 160 25.00 13.36 37.97
CA PHE A 160 24.61 12.20 38.77
C PHE A 160 24.91 12.36 40.28
N SER B 2 12.39 18.04 -33.78
CA SER B 2 12.10 18.96 -32.63
C SER B 2 11.03 18.54 -31.59
N LEU B 3 10.25 17.46 -31.82
CA LEU B 3 9.66 16.77 -30.64
C LEU B 3 10.77 15.97 -30.01
N GLU B 4 11.02 16.26 -28.74
CA GLU B 4 12.07 15.61 -27.96
C GLU B 4 11.72 14.19 -27.64
N ARG B 5 12.75 13.35 -27.45
CA ARG B 5 12.63 11.98 -26.94
C ARG B 5 11.90 11.97 -25.58
N LEU B 6 11.42 10.80 -25.16
CA LEU B 6 10.77 10.71 -23.84
C LEU B 6 11.86 10.87 -22.78
N ARG B 7 11.70 11.86 -21.92
CA ARG B 7 12.77 12.23 -20.99
C ARG B 7 12.67 11.46 -19.69
N VAL B 8 13.58 10.48 -19.54
CA VAL B 8 13.45 9.46 -18.44
C VAL B 8 14.38 9.77 -17.25
N ALA B 9 13.83 9.96 -16.05
CA ALA B 9 14.64 10.02 -14.82
C ALA B 9 14.63 8.71 -14.07
N ALA B 10 15.71 8.42 -13.38
CA ALA B 10 15.71 7.32 -12.42
C ALA B 10 15.90 7.89 -11.03
N TYR B 11 15.00 7.51 -10.12
CA TYR B 11 15.21 7.77 -8.71
C TYR B 11 15.77 6.54 -7.98
N CYS B 12 16.91 6.71 -7.31
CA CYS B 12 17.57 5.64 -6.57
C CYS B 12 17.99 5.99 -5.12
N ARG B 13 17.78 5.04 -4.23
CA ARG B 13 18.49 5.06 -2.95
C ARG B 13 19.77 4.27 -3.13
N VAL B 14 20.90 4.93 -2.88
CA VAL B 14 22.18 4.26 -3.10
C VAL B 14 22.94 3.89 -1.80
N SER B 15 23.77 2.86 -1.89
CA SER B 15 24.56 2.45 -0.75
C SER B 15 26.02 2.80 -0.99
N THR B 16 26.69 3.24 0.07
CA THR B 16 28.14 3.46 0.06
C THR B 16 28.91 2.21 0.56
N ASP B 17 28.19 1.34 1.26
CA ASP B 17 28.63 -0.03 1.57
C ASP B 17 28.55 -0.79 0.22
N SER B 18 29.62 -1.24 -0.42
CA SER B 18 30.92 -1.78 0.07
C SER B 18 30.70 -3.28 0.12
N GLU B 19 29.84 -3.69 1.05
CA GLU B 19 29.29 -5.05 1.09
C GLU B 19 28.06 -5.15 0.20
N ASP B 20 27.71 -4.03 -0.44
CA ASP B 20 26.47 -3.93 -1.22
C ASP B 20 26.65 -3.15 -2.53
N GLN B 21 27.70 -3.49 -3.28
CA GLN B 21 28.08 -2.69 -4.44
C GLN B 21 27.09 -2.69 -5.60
N LEU B 22 26.22 -3.70 -5.65
CA LEU B 22 25.11 -3.73 -6.60
C LEU B 22 24.12 -2.56 -6.38
N ASN B 23 24.13 -1.99 -5.19
CA ASN B 23 23.36 -0.80 -4.87
C ASN B 23 24.18 0.51 -4.93
N SER B 24 25.42 0.44 -5.43
CA SER B 24 26.26 1.63 -5.56
C SER B 24 25.73 2.62 -6.60
N TYR B 25 26.09 3.91 -6.48
CA TYR B 25 25.74 4.88 -7.51
C TYR B 25 26.15 4.41 -8.93
N LYS B 26 27.40 3.95 -9.07
CA LYS B 26 27.88 3.54 -10.38
C LYS B 26 27.16 2.32 -10.96
N SER B 27 26.86 1.30 -10.14
CA SER B 27 26.01 0.14 -10.60
C SER B 27 24.63 0.57 -11.12
N GLN B 28 23.98 1.49 -10.39
CA GLN B 28 22.71 2.07 -10.80
C GLN B 28 22.79 2.87 -12.10
N VAL B 29 23.81 3.72 -12.22
CA VAL B 29 24.01 4.45 -13.47
C VAL B 29 24.09 3.48 -14.65
N GLN B 30 24.83 2.37 -14.46
CA GLN B 30 24.96 1.37 -15.50
C GLN B 30 23.62 0.72 -15.81
N TYR B 31 22.88 0.35 -14.77
CA TYR B 31 21.60 -0.31 -14.98
C TYR B 31 20.67 0.56 -15.84
N TYR B 32 20.49 1.82 -15.43
CA TYR B 32 19.55 2.69 -16.12
C TYR B 32 20.08 3.16 -17.47
N THR B 33 21.41 3.34 -17.57
CA THR B 33 22.02 3.57 -18.91
C THR B 33 21.67 2.48 -19.91
N ASP B 34 21.81 1.21 -19.52
CA ASP B 34 21.50 0.05 -20.38
C ASP B 34 20.01 0.02 -20.77
N ILE B 36 17.77 2.48 -20.91
CA ILE B 36 17.42 3.59 -21.78
C ILE B 36 18.05 3.44 -23.16
N LYS B 37 19.23 2.81 -23.21
CA LYS B 37 19.86 2.44 -24.49
C LYS B 37 19.00 1.46 -25.32
N LYS B 38 18.28 0.55 -24.66
CA LYS B 38 17.38 -0.37 -25.36
C LYS B 38 16.23 0.34 -26.10
N ASN B 39 15.98 1.60 -25.76
CA ASN B 39 14.87 2.32 -26.35
C ASN B 39 15.30 3.62 -26.99
N LYS B 40 15.30 3.63 -28.34
CA LYS B 40 15.83 4.76 -29.12
C LYS B 40 14.98 6.04 -28.98
N GLU B 41 13.75 5.86 -28.51
CA GLU B 41 12.82 6.97 -28.33
C GLU B 41 12.90 7.62 -26.95
N TRP B 42 13.80 7.11 -26.10
CA TRP B 42 14.00 7.60 -24.75
C TRP B 42 15.38 8.25 -24.58
N VAL B 43 15.47 9.16 -23.64
CA VAL B 43 16.73 9.82 -23.27
C VAL B 43 16.77 9.99 -21.75
N LEU B 44 17.95 9.79 -21.16
CA LEU B 44 18.17 10.10 -19.74
C LEU B 44 17.92 11.57 -19.45
N ALA B 45 17.01 11.86 -18.53
CA ALA B 45 16.93 13.22 -17.97
C ALA B 45 18.11 13.35 -16.98
N ASP B 46 18.06 12.63 -15.88
CA ASP B 46 19.19 12.51 -14.96
C ASP B 46 18.98 11.26 -14.09
N ILE B 47 20.04 10.84 -13.41
CA ILE B 47 19.96 9.93 -12.27
C ILE B 47 19.77 10.80 -11.03
N TYR B 48 18.77 10.47 -10.21
CA TYR B 48 18.57 11.13 -8.93
C TYR B 48 18.83 10.09 -7.86
N ALA B 49 19.79 10.38 -6.98
CA ALA B 49 20.30 9.38 -6.06
C ALA B 49 20.53 9.98 -4.68
N ASP B 50 19.90 9.37 -3.68
CA ASP B 50 20.12 9.71 -2.28
C ASP B 50 20.78 8.56 -1.57
N GLU B 51 21.78 8.89 -0.78
CA GLU B 51 22.48 7.90 0.05
C GLU B 51 21.53 7.36 1.15
N ALA B 52 21.55 6.05 1.34
CA ALA B 52 20.60 5.41 2.24
C ALA B 52 21.22 4.14 2.77
N ILE B 53 20.79 3.70 3.94
CA ILE B 53 21.27 2.43 4.48
C ILE B 53 20.36 1.31 3.99
N THR B 54 20.95 0.25 3.42
CA THR B 54 20.21 -0.82 2.73
C THR B 54 19.36 -1.60 3.75
N GLY B 55 18.11 -1.90 3.39
CA GLY B 55 17.19 -2.60 4.28
C GLY B 55 16.61 -1.67 5.33
N THR B 56 16.71 -0.35 5.11
CA THR B 56 16.21 0.60 6.11
C THR B 56 15.52 1.73 5.41
N GLN B 57 14.82 2.56 6.19
CA GLN B 57 14.31 3.82 5.70
C GLN B 57 15.22 5.00 6.10
N VAL B 58 16.46 4.72 6.49
CA VAL B 58 17.41 5.81 6.78
C VAL B 58 18.00 6.28 5.44
N THR B 59 17.59 7.47 5.01
CA THR B 59 17.87 7.97 3.67
C THR B 59 17.97 9.50 3.59
N LYS B 60 18.85 9.99 2.72
CA LYS B 60 18.84 11.41 2.39
C LYS B 60 17.63 11.74 1.50
N ARG B 61 17.29 13.02 1.39
CA ARG B 61 16.13 13.39 0.57
C ARG B 61 16.42 14.53 -0.39
N GLU B 62 17.65 15.05 -0.36
CA GLU B 62 17.99 16.16 -1.28
C GLU B 62 17.74 15.84 -2.77
N ASP B 63 18.16 14.66 -3.24
CA ASP B 63 17.97 14.32 -4.65
C ASP B 63 16.55 14.02 -5.03
N PHE B 64 15.80 13.43 -4.09
CA PHE B 64 14.34 13.24 -4.26
C PHE B 64 13.69 14.60 -4.51
N GLN B 65 14.01 15.59 -3.66
CA GLN B 65 13.53 16.95 -3.85
C GLN B 65 13.97 17.60 -5.16
N ARG B 66 15.25 17.43 -5.51
CA ARG B 66 15.73 17.87 -6.80
C ARG B 66 14.93 17.30 -7.97
N ILE B 68 11.78 16.09 -7.81
CA ILE B 68 10.45 16.69 -7.79
C ILE B 68 10.46 18.10 -8.40
N ASN B 69 11.43 18.93 -8.03
CA ASN B 69 11.56 20.24 -8.68
C ASN B 69 11.73 20.15 -10.20
N ASP B 70 12.60 19.25 -10.67
CA ASP B 70 12.77 19.07 -12.13
C ASP B 70 11.49 18.59 -12.82
N CYS B 71 10.72 17.72 -12.15
CA CYS B 71 9.42 17.31 -12.66
C CYS B 71 8.44 18.50 -12.81
N ASN B 73 9.21 21.60 -13.03
CA ASN B 73 9.78 22.52 -14.01
C ASN B 73 9.72 21.99 -15.45
N GLY B 74 9.06 20.87 -15.69
CA GLY B 74 8.85 20.43 -17.05
C GLY B 74 10.02 19.67 -17.72
N GLU B 75 10.98 19.21 -16.93
CA GLU B 75 12.17 18.51 -17.49
C GLU B 75 12.06 16.99 -17.68
N ILE B 76 11.01 16.36 -17.14
CA ILE B 76 10.96 14.91 -16.97
C ILE B 76 9.59 14.39 -17.42
N ASP B 77 9.60 13.35 -18.24
CA ASP B 77 8.33 12.76 -18.73
C ASP B 77 7.94 11.52 -17.91
N VAL B 79 9.49 8.64 -14.50
CA VAL B 79 10.48 8.36 -13.44
C VAL B 79 10.49 6.87 -13.23
N PHE B 80 11.65 6.22 -13.37
CA PHE B 80 11.72 4.82 -12.89
C PHE B 80 12.27 4.81 -11.50
N THR B 81 11.73 3.89 -10.71
CA THR B 81 12.24 3.70 -9.37
C THR B 81 12.00 2.25 -8.91
N LYS B 82 12.92 1.71 -8.10
CA LYS B 82 12.88 0.30 -7.73
C LYS B 82 11.58 -0.21 -7.06
N SER B 83 11.09 0.56 -6.09
CA SER B 83 10.00 0.10 -5.22
C SER B 83 9.33 1.26 -4.51
N ILE B 84 8.05 1.07 -4.21
CA ILE B 84 7.30 1.92 -3.28
C ILE B 84 8.08 2.16 -1.94
N SER B 85 8.70 1.11 -1.43
CA SER B 85 9.43 1.17 -0.15
C SER B 85 10.80 1.85 -0.29
N ARG B 86 11.20 2.22 -1.51
CA ARG B 86 12.46 2.90 -1.72
C ARG B 86 12.30 4.23 -2.44
N PHE B 87 11.12 4.83 -2.34
CA PHE B 87 10.80 6.04 -3.10
C PHE B 87 10.50 7.15 -2.11
N ALA B 88 9.23 7.48 -1.87
CA ALA B 88 8.88 8.33 -0.74
C ALA B 88 9.03 7.57 0.58
N ARG B 89 8.89 8.26 1.69
CA ARG B 89 9.28 7.64 2.97
C ARG B 89 8.14 6.97 3.72
N ASN B 90 6.92 7.26 3.30
CA ASN B 90 5.73 6.71 3.95
C ASN B 90 4.51 6.82 3.04
N THR B 91 3.39 6.27 3.51
CA THR B 91 2.18 6.18 2.71
C THR B 91 1.67 7.55 2.31
N LEU B 92 1.60 8.47 3.26
CA LEU B 92 1.03 9.77 2.94
C LEU B 92 1.90 10.48 1.90
N ASP B 93 3.22 10.36 2.03
CA ASP B 93 4.14 10.99 1.05
C ASP B 93 4.11 10.33 -0.33
N THR B 94 3.94 9.01 -0.38
CA THR B 94 3.80 8.30 -1.63
C THR B 94 2.58 8.86 -2.36
N LEU B 95 1.45 8.92 -1.66
CA LEU B 95 0.26 9.53 -2.22
C LEU B 95 0.50 10.96 -2.70
N LYS B 96 1.10 11.78 -1.85
CA LYS B 96 1.33 13.18 -2.19
C LYS B 96 2.12 13.32 -3.51
N TYR B 97 3.30 12.70 -3.55
CA TYR B 97 4.18 12.81 -4.72
C TYR B 97 3.66 12.12 -5.99
N VAL B 98 3.07 10.94 -5.84
CA VAL B 98 2.46 10.29 -7.03
C VAL B 98 1.35 11.16 -7.62
N ARG B 99 0.49 11.72 -6.76
CA ARG B 99 -0.59 12.57 -7.24
C ARG B 99 -0.08 13.83 -7.90
N LEU B 101 2.75 14.33 -9.46
CA LEU B 101 3.33 13.96 -10.77
C LEU B 101 2.21 13.60 -11.76
N LYS B 102 1.23 12.84 -11.28
CA LYS B 102 0.08 12.44 -12.08
C LYS B 102 -0.72 13.62 -12.63
N GLU B 103 -0.85 14.68 -11.82
CA GLU B 103 -1.56 15.91 -12.18
C GLU B 103 -0.88 16.57 -13.38
N ARG B 104 0.44 16.38 -13.48
CA ARG B 104 1.23 16.83 -14.63
C ARG B 104 1.40 15.75 -15.70
N ASN B 105 0.67 14.65 -15.58
CA ASN B 105 0.86 13.46 -16.44
C ASN B 105 2.31 12.95 -16.55
N ILE B 106 2.98 12.90 -15.40
CA ILE B 106 4.32 12.34 -15.28
C ILE B 106 4.17 10.98 -14.64
N ALA B 107 4.58 9.91 -15.36
CA ALA B 107 4.44 8.55 -14.84
C ALA B 107 5.59 8.19 -13.91
N VAL B 108 5.27 7.46 -12.85
CA VAL B 108 6.26 6.76 -12.10
C VAL B 108 6.05 5.28 -12.41
N TYR B 109 7.15 4.60 -12.69
CA TYR B 109 7.12 3.18 -12.82
C TYR B 109 7.87 2.56 -11.67
N PHE B 110 7.09 1.92 -10.78
CA PHE B 110 7.61 1.14 -9.68
C PHE B 110 7.99 -0.25 -10.18
N GLU B 111 9.29 -0.49 -10.24
CA GLU B 111 9.82 -1.66 -10.95
C GLU B 111 9.51 -3.00 -10.27
N ASP B 112 9.68 -3.07 -8.94
CA ASP B 112 9.43 -4.33 -8.22
C ASP B 112 7.95 -4.66 -8.26
N GLU B 113 7.11 -3.63 -8.11
CA GLU B 113 5.65 -3.86 -8.11
C GLU B 113 5.05 -3.94 -9.50
N LYS B 114 5.82 -3.52 -10.52
CA LYS B 114 5.37 -3.46 -11.92
C LYS B 114 4.11 -2.56 -12.04
N ILE B 115 4.19 -1.36 -11.48
CA ILE B 115 3.04 -0.42 -11.47
C ILE B 115 3.44 0.89 -12.11
N ASN B 116 2.75 1.21 -13.20
CA ASN B 116 2.83 2.51 -13.84
C ASN B 116 1.70 3.35 -13.34
N THR B 117 2.04 4.49 -12.74
CA THR B 117 1.04 5.30 -12.05
C THR B 117 0.01 6.01 -12.92
N LEU B 118 0.21 6.03 -14.25
CA LEU B 118 -0.77 6.59 -15.18
C LEU B 118 -1.72 5.55 -15.78
N THR B 119 -1.56 4.29 -15.41
CA THR B 119 -2.44 3.27 -15.94
C THR B 119 -3.54 2.94 -14.92
N ASP B 121 -3.60 0.29 -13.18
CA ASP B 121 -2.87 -0.26 -12.01
C ASP B 121 -2.46 0.91 -11.06
N GLY B 122 -2.07 2.03 -11.67
CA GLY B 122 -1.77 3.24 -10.94
C GLY B 122 -2.98 3.79 -10.21
N GLU B 123 -4.15 3.71 -10.87
CA GLU B 123 -5.41 4.08 -10.21
C GLU B 123 -5.70 3.15 -9.02
N LEU B 124 -5.43 1.86 -9.17
CA LEU B 124 -5.57 0.90 -8.08
C LEU B 124 -4.59 1.21 -6.93
N LEU B 125 -3.33 1.47 -7.28
CA LEU B 125 -2.33 1.84 -6.29
C LEU B 125 -2.82 3.01 -5.42
N LEU B 126 -3.33 4.07 -6.05
CA LEU B 126 -3.82 5.25 -5.33
C LEU B 126 -5.01 4.92 -4.39
N VAL B 127 -5.96 4.12 -4.87
CA VAL B 127 -7.02 3.66 -3.94
C VAL B 127 -6.53 2.81 -2.77
N VAL B 128 -5.61 1.89 -2.98
CA VAL B 128 -5.10 1.02 -1.90
C VAL B 128 -4.32 1.89 -0.87
N LEU B 129 -3.47 2.78 -1.36
CA LEU B 129 -2.74 3.67 -0.45
C LEU B 129 -3.70 4.59 0.35
N SER B 130 -4.71 5.15 -0.33
CA SER B 130 -5.75 5.95 0.33
C SER B 130 -6.45 5.15 1.45
N SER B 131 -6.73 3.88 1.18
CA SER B 131 -7.30 2.95 2.19
C SER B 131 -6.35 2.68 3.39
N VAL B 132 -5.08 2.48 3.08
CA VAL B 132 -4.09 2.34 4.14
C VAL B 132 -4.06 3.59 5.02
N ALA B 133 -4.03 4.77 4.40
CA ALA B 133 -4.05 6.00 5.18
C ALA B 133 -5.34 6.11 6.01
N GLN B 134 -6.50 5.83 5.41
CA GLN B 134 -7.81 5.89 6.09
C GLN B 134 -7.85 4.90 7.27
N GLN B 135 -7.36 3.68 7.03
CA GLN B 135 -7.18 2.64 8.05
C GLN B 135 -6.38 3.10 9.28
N GLU B 136 -5.35 3.91 9.06
CA GLU B 136 -4.59 4.47 10.20
C GLU B 136 -5.47 5.43 10.99
N VAL B 137 -6.13 6.33 10.27
CA VAL B 137 -6.98 7.33 10.89
C VAL B 137 -8.08 6.69 11.75
N GLU B 138 -8.65 5.60 11.24
CA GLU B 138 -9.83 4.94 11.84
C GLU B 138 -9.52 3.92 12.93
N ASN B 139 -8.26 3.49 13.04
CA ASN B 139 -7.93 2.46 14.01
C ASN B 139 -6.90 2.94 15.02
#